data_2OM6
#
_entry.id   2OM6
#
_cell.length_a   50.052
_cell.length_b   66.239
_cell.length_c   79.014
_cell.angle_alpha   90.00
_cell.angle_beta   107.62
_cell.angle_gamma   90.00
#
_symmetry.space_group_name_H-M   'P 1 21 1'
#
loop_
_entity.id
_entity.type
_entity.pdbx_description
1 polymer 'Probable phosphoserine phosphatase'
2 non-polymer 'SULFATE ION'
3 non-polymer 'MAGNESIUM ION'
4 non-polymer 'CHLORIDE ION'
5 water water
#
_entity_poly.entity_id   1
_entity_poly.type   'polypeptide(L)'
_entity_poly.pdbx_seq_one_letter_code
;(MSE)REVKLVTFDVWNTLLDLNI(MSE)LDEFSHQLAKISGLHIKDVANAVIEVRNEIKK(MSE)RAQASEDPRKVLTG
SQEALAGKLKVDVELVKRATARAILNVDESLVLEGTKEALQFVKERGLKTAVIGNV(MSE)FWPGSYTRLLLERFGL
(MSE)EFIDKTFFADEVLSYKPRKE(MSE)FEKVLNSFEVKPEESLHIGDTYAEDYQGARKVG(MSE)WAVWINQEGDKV
RKLEERGFEIPSIANLKDVIELISKT
;
_entity_poly.pdbx_strand_id   A,B
#
loop_
_chem_comp.id
_chem_comp.type
_chem_comp.name
_chem_comp.formula
CL non-polymer 'CHLORIDE ION' 'Cl -1'
MG non-polymer 'MAGNESIUM ION' 'Mg 2'
SO4 non-polymer 'SULFATE ION' 'O4 S -2'
#
# COMPACT_ATOMS: atom_id res chain seq x y z
N MSE A 1 30.09 13.56 24.83
CA MSE A 1 28.76 13.29 24.20
C MSE A 1 28.69 11.84 23.76
O MSE A 1 29.63 11.30 23.19
CB MSE A 1 28.57 14.18 22.97
CG MSE A 1 28.99 15.62 23.16
SE MSE A 1 28.71 16.65 21.56
CE MSE A 1 29.85 15.66 20.35
N ARG A 2 27.56 11.19 24.05
CA ARG A 2 27.37 9.79 23.68
C ARG A 2 27.51 9.62 22.17
N GLU A 3 27.99 8.45 21.76
CA GLU A 3 28.19 8.14 20.36
C GLU A 3 26.86 7.81 19.70
N VAL A 4 26.66 8.32 18.49
CA VAL A 4 25.42 8.06 17.76
C VAL A 4 25.38 6.63 17.24
N LYS A 5 24.27 5.95 17.51
CA LYS A 5 24.06 4.58 17.09
C LYS A 5 22.96 4.47 16.02
N LEU A 6 22.12 5.49 15.93
CA LEU A 6 21.02 5.46 14.98
C LEU A 6 20.83 6.72 14.16
N VAL A 7 20.66 6.55 12.86
CA VAL A 7 20.41 7.69 11.99
C VAL A 7 19.05 7.46 11.34
N THR A 8 18.14 8.40 11.55
CA THR A 8 16.81 8.28 10.98
C THR A 8 16.69 9.19 9.76
N PHE A 9 15.90 8.74 8.78
CA PHE A 9 15.75 9.46 7.52
C PHE A 9 14.33 9.80 7.09
N ASP A 10 14.16 11.04 6.66
CA ASP A 10 12.90 11.50 6.11
C ASP A 10 13.03 10.95 4.69
N VAL A 11 11.93 10.84 3.94
CA VAL A 11 12.04 10.31 2.58
C VAL A 11 11.91 11.39 1.49
N TRP A 12 10.70 11.89 1.30
CA TRP A 12 10.46 12.89 0.28
C TRP A 12 11.21 14.22 0.47
N ASN A 13 12.10 14.49 -0.48
CA ASN A 13 12.98 15.66 -0.52
C ASN A 13 14.21 15.50 0.38
N THR A 14 14.53 14.25 0.70
CA THR A 14 15.71 13.91 1.50
C THR A 14 16.39 12.78 0.73
N LEU A 15 15.62 11.75 0.42
CA LEU A 15 16.12 10.60 -0.31
C LEU A 15 15.58 10.59 -1.74
N LEU A 16 14.29 10.90 -1.87
CA LEU A 16 13.63 10.92 -3.16
C LEU A 16 13.09 12.32 -3.46
N ASP A 17 12.97 12.62 -4.75
CA ASP A 17 12.51 13.91 -5.22
C ASP A 17 10.99 13.99 -5.24
N LEU A 18 10.42 14.78 -4.35
CA LEU A 18 8.97 14.92 -4.25
C LEU A 18 8.34 15.72 -5.39
N ASN A 19 9.07 16.67 -5.96
CA ASN A 19 8.51 17.44 -7.06
C ASN A 19 8.21 16.52 -8.24
N ILE A 20 9.19 15.69 -8.61
CA ILE A 20 9.00 14.75 -9.71
C ILE A 20 7.79 13.84 -9.47
N MSE A 21 7.62 13.37 -8.24
CA MSE A 21 6.50 12.48 -7.92
C MSE A 21 5.16 13.21 -7.98
O MSE A 21 4.23 12.74 -8.62
CB MSE A 21 6.67 11.87 -6.52
CG MSE A 21 7.03 10.39 -6.52
SE MSE A 21 5.66 9.23 -7.22
CE MSE A 21 4.74 8.81 -5.58
N LEU A 22 5.05 14.34 -7.28
CA LEU A 22 3.80 15.09 -7.27
C LEU A 22 3.39 15.48 -8.68
N ASP A 23 4.39 15.74 -9.51
CA ASP A 23 4.18 16.12 -10.90
C ASP A 23 3.70 14.92 -11.71
N GLU A 24 4.30 13.76 -11.47
CA GLU A 24 3.90 12.57 -12.19
C GLU A 24 2.46 12.22 -11.77
N PHE A 25 2.21 12.33 -10.47
CA PHE A 25 0.89 12.07 -9.88
C PHE A 25 -0.19 13.03 -10.42
N SER A 26 0.14 14.31 -10.48
CA SER A 26 -0.81 15.32 -10.97
C SER A 26 -1.12 15.06 -12.45
N HIS A 27 -0.09 14.67 -13.20
CA HIS A 27 -0.24 14.37 -14.62
C HIS A 27 -1.15 13.14 -14.78
N GLN A 28 -0.87 12.08 -14.02
CA GLN A 28 -1.69 10.87 -14.10
C GLN A 28 -3.12 11.12 -13.66
N LEU A 29 -3.30 11.90 -12.59
CA LEU A 29 -4.63 12.21 -12.10
C LEU A 29 -5.40 13.07 -13.10
N ALA A 30 -4.72 14.04 -13.71
CA ALA A 30 -5.35 14.92 -14.70
C ALA A 30 -5.71 14.10 -15.93
N LYS A 31 -4.82 13.18 -16.28
CA LYS A 31 -5.03 12.32 -17.43
C LYS A 31 -6.28 11.44 -17.32
N ILE A 32 -6.39 10.66 -16.24
CA ILE A 32 -7.57 9.81 -16.10
C ILE A 32 -8.86 10.55 -15.76
N SER A 33 -8.76 11.80 -15.32
CA SER A 33 -9.95 12.55 -14.97
C SER A 33 -10.48 13.39 -16.12
N GLY A 34 -9.62 13.71 -17.08
CA GLY A 34 -10.03 14.54 -18.18
C GLY A 34 -9.97 16.01 -17.78
N LEU A 35 -9.18 16.31 -16.74
CA LEU A 35 -9.01 17.67 -16.26
C LEU A 35 -7.61 18.16 -16.65
N HIS A 36 -7.41 19.48 -16.61
CA HIS A 36 -6.11 20.05 -16.94
C HIS A 36 -5.17 19.85 -15.74
N ILE A 37 -3.88 19.70 -16.02
CA ILE A 37 -2.89 19.47 -14.98
C ILE A 37 -2.88 20.62 -13.95
N LYS A 38 -3.10 21.84 -14.45
CA LYS A 38 -3.14 23.03 -13.59
C LYS A 38 -4.20 22.85 -12.51
N ASP A 39 -5.40 22.46 -12.92
CA ASP A 39 -6.50 22.23 -11.98
C ASP A 39 -6.04 21.27 -10.88
N VAL A 40 -5.49 20.14 -11.31
CA VAL A 40 -5.01 19.11 -10.40
C VAL A 40 -3.85 19.54 -9.52
N ALA A 41 -2.86 20.22 -10.10
CA ALA A 41 -1.71 20.66 -9.33
C ALA A 41 -2.16 21.57 -8.19
N ASN A 42 -3.10 22.45 -8.47
CA ASN A 42 -3.59 23.37 -7.46
C ASN A 42 -4.30 22.64 -6.33
N ALA A 43 -5.09 21.64 -6.68
CA ALA A 43 -5.80 20.88 -5.66
C ALA A 43 -4.78 20.15 -4.78
N VAL A 44 -3.72 19.65 -5.41
CA VAL A 44 -2.67 18.93 -4.67
C VAL A 44 -2.03 19.92 -3.70
N ILE A 45 -1.70 21.10 -4.20
CA ILE A 45 -1.10 22.15 -3.39
C ILE A 45 -2.00 22.54 -2.23
N GLU A 46 -3.28 22.73 -2.52
CA GLU A 46 -4.23 23.09 -1.48
C GLU A 46 -4.36 22.02 -0.41
N VAL A 47 -4.44 20.76 -0.82
CA VAL A 47 -4.54 19.67 0.15
C VAL A 47 -3.24 19.52 0.94
N ARG A 48 -2.12 19.62 0.21
CA ARG A 48 -0.79 19.49 0.82
C ARG A 48 -0.56 20.53 1.91
N ASN A 49 -0.94 21.78 1.66
CA ASN A 49 -0.77 22.82 2.65
C ASN A 49 -1.73 22.66 3.84
N GLU A 50 -3.00 22.41 3.56
CA GLU A 50 -3.98 22.24 4.63
C GLU A 50 -3.60 21.09 5.54
N ILE A 51 -2.94 20.07 5.00
CA ILE A 51 -2.52 18.93 5.81
C ILE A 51 -1.31 19.30 6.65
N LYS A 52 -0.39 20.05 6.05
CA LYS A 52 0.81 20.48 6.75
C LYS A 52 0.39 21.29 7.98
N LYS A 53 -0.56 22.20 7.79
CA LYS A 53 -1.04 23.03 8.89
C LYS A 53 -1.62 22.19 10.02
N MSE A 54 -2.49 21.23 9.71
CA MSE A 54 -3.08 20.40 10.75
C MSE A 54 -2.04 19.68 11.59
O MSE A 54 -2.26 19.41 12.77
CB MSE A 54 -4.05 19.39 10.15
CG MSE A 54 -5.32 20.02 9.56
SE MSE A 54 -6.26 21.20 10.80
CE MSE A 54 -7.49 19.92 11.56
N ARG A 55 -0.89 19.35 11.00
CA ARG A 55 0.19 18.66 11.70
C ARG A 55 0.88 19.66 12.62
N ALA A 56 0.98 20.90 12.17
CA ALA A 56 1.60 21.96 12.96
C ALA A 56 0.73 22.14 14.20
N GLN A 57 -0.57 21.95 14.02
CA GLN A 57 -1.55 22.09 15.09
C GLN A 57 -1.63 20.82 15.95
N ALA A 58 -0.83 19.81 15.63
CA ALA A 58 -0.84 18.55 16.38
C ALA A 58 -2.28 18.09 16.56
N SER A 59 -3.10 18.37 15.55
CA SER A 59 -4.50 18.01 15.59
C SER A 59 -4.91 17.20 14.37
N GLU A 60 -4.07 16.25 13.97
CA GLU A 60 -4.37 15.42 12.82
C GLU A 60 -4.52 13.96 13.25
N ASP A 61 -5.44 13.26 12.61
CA ASP A 61 -5.67 11.86 12.94
C ASP A 61 -4.82 10.94 12.08
N PRO A 62 -3.78 10.35 12.68
CA PRO A 62 -2.83 9.43 12.02
C PRO A 62 -3.50 8.29 11.26
N ARG A 63 -4.69 7.91 11.70
CA ARG A 63 -5.44 6.81 11.07
C ARG A 63 -6.31 7.24 9.90
N LYS A 64 -6.49 8.54 9.72
CA LYS A 64 -7.33 9.03 8.63
C LYS A 64 -6.57 9.88 7.62
N VAL A 65 -5.32 10.16 7.92
CA VAL A 65 -4.49 10.99 7.05
C VAL A 65 -4.57 10.61 5.56
N LEU A 66 -4.16 9.40 5.20
CA LEU A 66 -4.20 8.96 3.80
C LEU A 66 -5.57 9.15 3.15
N THR A 67 -6.60 8.51 3.71
CA THR A 67 -7.94 8.62 3.16
C THR A 67 -8.41 10.06 3.14
N GLY A 68 -8.03 10.82 4.15
CA GLY A 68 -8.42 12.22 4.20
C GLY A 68 -7.88 13.00 3.02
N SER A 69 -6.58 12.84 2.75
CA SER A 69 -5.92 13.55 1.64
C SER A 69 -6.50 13.14 0.30
N GLN A 70 -6.90 11.87 0.17
CA GLN A 70 -7.47 11.41 -1.08
C GLN A 70 -8.90 11.90 -1.26
N GLU A 71 -9.67 11.93 -0.19
CA GLU A 71 -11.05 12.38 -0.23
C GLU A 71 -11.11 13.89 -0.42
N ALA A 72 -10.14 14.58 0.16
CA ALA A 72 -10.04 16.03 0.05
C ALA A 72 -9.72 16.44 -1.39
N LEU A 73 -8.84 15.67 -2.03
CA LEU A 73 -8.44 15.95 -3.41
C LEU A 73 -9.58 15.59 -4.35
N ALA A 74 -10.22 14.45 -4.10
CA ALA A 74 -11.32 14.00 -4.95
C ALA A 74 -12.47 15.02 -4.89
N GLY A 75 -12.71 15.60 -3.72
CA GLY A 75 -13.76 16.58 -3.57
C GLY A 75 -13.46 17.92 -4.24
N LYS A 76 -12.20 18.35 -4.20
CA LYS A 76 -11.80 19.60 -4.84
C LYS A 76 -11.95 19.50 -6.35
N LEU A 77 -11.65 18.33 -6.90
CA LEU A 77 -11.73 18.13 -8.34
C LEU A 77 -13.07 17.59 -8.81
N LYS A 78 -13.90 17.14 -7.87
CA LYS A 78 -15.20 16.58 -8.17
C LYS A 78 -15.08 15.27 -8.94
N VAL A 79 -14.19 14.40 -8.48
CA VAL A 79 -13.99 13.09 -9.12
C VAL A 79 -14.17 11.99 -8.09
N ASP A 80 -14.38 10.77 -8.57
CA ASP A 80 -14.53 9.65 -7.66
C ASP A 80 -13.15 9.45 -7.01
N VAL A 81 -13.12 9.10 -5.73
CA VAL A 81 -11.86 8.89 -5.03
C VAL A 81 -11.08 7.73 -5.66
N GLU A 82 -11.75 6.94 -6.49
CA GLU A 82 -11.16 5.80 -7.17
C GLU A 82 -10.13 6.32 -8.19
N LEU A 83 -10.44 7.44 -8.85
CA LEU A 83 -9.51 7.99 -9.81
C LEU A 83 -8.24 8.47 -9.13
N VAL A 84 -8.37 8.91 -7.88
CA VAL A 84 -7.19 9.36 -7.13
C VAL A 84 -6.29 8.17 -6.80
N LYS A 85 -6.89 7.06 -6.41
CA LYS A 85 -6.16 5.86 -6.07
C LYS A 85 -5.49 5.31 -7.34
N ARG A 86 -6.23 5.28 -8.45
CA ARG A 86 -5.65 4.78 -9.69
C ARG A 86 -4.44 5.61 -10.11
N ALA A 87 -4.56 6.92 -9.97
CA ALA A 87 -3.47 7.82 -10.35
C ALA A 87 -2.18 7.55 -9.56
N THR A 88 -2.30 7.17 -8.29
CA THR A 88 -1.11 6.88 -7.49
C THR A 88 -0.47 5.58 -7.96
N ALA A 89 -1.28 4.64 -8.40
CA ALA A 89 -0.75 3.37 -8.89
C ALA A 89 -0.07 3.64 -10.23
N ARG A 90 -0.70 4.48 -11.05
CA ARG A 90 -0.14 4.79 -12.38
C ARG A 90 1.11 5.63 -12.29
N ALA A 91 1.19 6.51 -11.31
CA ALA A 91 2.37 7.36 -11.15
C ALA A 91 3.55 6.48 -10.73
N ILE A 92 3.30 5.61 -9.76
CA ILE A 92 4.31 4.70 -9.25
C ILE A 92 4.87 3.89 -10.42
N LEU A 93 3.99 3.57 -11.37
CA LEU A 93 4.38 2.78 -12.52
C LEU A 93 5.09 3.62 -13.61
N ASN A 94 4.91 4.94 -13.58
CA ASN A 94 5.54 5.77 -14.60
C ASN A 94 6.81 6.52 -14.17
N VAL A 95 7.22 6.38 -12.91
CA VAL A 95 8.43 7.05 -12.43
C VAL A 95 9.63 6.11 -12.54
N ASP A 96 10.83 6.65 -12.39
CA ASP A 96 12.03 5.84 -12.46
C ASP A 96 13.11 6.30 -11.49
N GLU A 97 14.32 5.82 -11.69
CA GLU A 97 15.45 6.13 -10.83
C GLU A 97 15.80 7.62 -10.74
N SER A 98 15.32 8.42 -11.69
CA SER A 98 15.60 9.85 -11.67
C SER A 98 14.98 10.45 -10.42
N LEU A 99 14.26 9.62 -9.67
CA LEU A 99 13.59 10.02 -8.45
C LEU A 99 14.55 10.05 -7.28
N VAL A 100 15.65 9.30 -7.40
CA VAL A 100 16.66 9.25 -6.34
C VAL A 100 17.47 10.53 -6.34
N LEU A 101 17.54 11.21 -5.20
CA LEU A 101 18.30 12.46 -5.09
C LEU A 101 19.79 12.19 -5.08
N GLU A 102 20.55 13.03 -5.79
CA GLU A 102 22.01 12.85 -5.88
C GLU A 102 22.71 12.66 -4.55
N GLY A 103 23.51 11.59 -4.47
CA GLY A 103 24.24 11.29 -3.26
C GLY A 103 23.49 10.47 -2.24
N THR A 104 22.24 10.13 -2.52
CA THR A 104 21.46 9.36 -1.55
C THR A 104 22.05 7.98 -1.25
N LYS A 105 22.35 7.20 -2.29
CA LYS A 105 22.90 5.87 -2.08
C LYS A 105 24.23 5.92 -1.33
N GLU A 106 25.12 6.81 -1.76
CA GLU A 106 26.42 6.96 -1.10
C GLU A 106 26.23 7.32 0.35
N ALA A 107 25.36 8.30 0.60
CA ALA A 107 25.10 8.75 1.97
C ALA A 107 24.64 7.57 2.82
N LEU A 108 23.68 6.80 2.31
CA LEU A 108 23.18 5.65 3.04
C LEU A 108 24.31 4.66 3.25
N GLN A 109 25.04 4.35 2.19
CA GLN A 109 26.16 3.41 2.28
C GLN A 109 27.17 3.83 3.34
N PHE A 110 27.49 5.13 3.38
CA PHE A 110 28.46 5.64 4.35
C PHE A 110 28.02 5.38 5.78
N VAL A 111 26.73 5.53 6.04
CA VAL A 111 26.19 5.33 7.37
C VAL A 111 26.22 3.86 7.72
N LYS A 112 25.88 3.01 6.75
CA LYS A 112 25.87 1.58 7.00
C LYS A 112 27.28 1.04 7.21
N GLU A 113 28.19 1.39 6.30
CA GLU A 113 29.57 0.94 6.42
C GLU A 113 30.20 1.45 7.71
N ARG A 114 29.60 2.48 8.28
CA ARG A 114 30.10 3.05 9.53
C ARG A 114 29.61 2.15 10.68
N GLY A 115 28.73 1.22 10.36
CA GLY A 115 28.21 0.29 11.34
C GLY A 115 27.06 0.80 12.18
N LEU A 116 26.32 1.76 11.63
CA LEU A 116 25.19 2.34 12.35
C LEU A 116 23.86 1.77 11.85
N LYS A 117 22.84 1.83 12.70
CA LYS A 117 21.51 1.36 12.33
C LYS A 117 20.82 2.52 11.62
N THR A 118 19.90 2.19 10.72
CA THR A 118 19.17 3.22 10.00
C THR A 118 17.69 2.93 10.01
N ALA A 119 16.90 3.97 9.76
CA ALA A 119 15.46 3.84 9.71
C ALA A 119 14.90 5.01 8.93
N VAL A 120 13.73 4.80 8.37
CA VAL A 120 13.01 5.82 7.62
C VAL A 120 11.82 6.27 8.48
N ILE A 121 11.65 7.58 8.63
CA ILE A 121 10.51 8.13 9.37
C ILE A 121 9.83 9.12 8.42
N GLY A 122 8.69 8.75 7.88
CA GLY A 122 8.01 9.63 6.96
C GLY A 122 6.51 9.74 7.12
N ASN A 123 5.97 10.90 6.79
CA ASN A 123 4.53 11.12 6.88
C ASN A 123 3.95 10.63 5.56
N VAL A 124 2.66 10.30 5.54
CA VAL A 124 2.07 9.84 4.29
C VAL A 124 0.93 10.76 3.87
N MSE A 125 0.78 10.91 2.56
CA MSE A 125 -0.23 11.76 1.97
C MSE A 125 -0.42 11.35 0.50
O MSE A 125 0.56 11.13 -0.20
CB MSE A 125 0.26 13.22 2.05
CG MSE A 125 -0.64 14.27 1.45
SE MSE A 125 0.30 15.96 1.26
CE MSE A 125 0.92 16.19 3.07
N PHE A 126 -1.65 11.21 0.05
CA PHE A 126 -1.96 10.84 -1.34
C PHE A 126 -1.73 9.36 -1.71
N TRP A 127 -0.53 8.86 -1.48
CA TRP A 127 -0.21 7.45 -1.74
C TRP A 127 0.24 6.84 -0.43
N PRO A 128 -0.15 5.59 -0.14
CA PRO A 128 0.21 4.90 1.09
C PRO A 128 1.70 4.76 1.33
N GLY A 129 2.08 4.56 2.59
CA GLY A 129 3.48 4.39 2.93
C GLY A 129 4.08 3.23 2.17
N SER A 130 3.23 2.25 1.83
CA SER A 130 3.69 1.07 1.11
C SER A 130 4.22 1.39 -0.29
N TYR A 131 3.61 2.33 -0.99
CA TYR A 131 4.09 2.72 -2.32
C TYR A 131 5.48 3.34 -2.18
N THR A 132 5.64 4.14 -1.12
CA THR A 132 6.92 4.77 -0.85
C THR A 132 7.95 3.66 -0.61
N ARG A 133 7.59 2.65 0.17
CA ARG A 133 8.49 1.53 0.45
C ARG A 133 8.85 0.79 -0.85
N LEU A 134 7.88 0.65 -1.74
CA LEU A 134 8.08 -0.04 -3.02
C LEU A 134 9.18 0.64 -3.86
N LEU A 135 9.11 1.96 -3.95
CA LEU A 135 10.09 2.73 -4.72
C LEU A 135 11.49 2.65 -4.12
N LEU A 136 11.57 2.76 -2.79
CA LEU A 136 12.87 2.69 -2.11
C LEU A 136 13.45 1.32 -2.39
N GLU A 137 12.61 0.30 -2.34
CA GLU A 137 13.06 -1.06 -2.61
C GLU A 137 13.52 -1.15 -4.06
N ARG A 138 12.64 -0.72 -4.97
CA ARG A 138 12.94 -0.76 -6.41
C ARG A 138 14.23 -0.06 -6.80
N PHE A 139 14.58 1.02 -6.11
CA PHE A 139 15.78 1.77 -6.44
C PHE A 139 17.03 1.31 -5.71
N GLY A 140 16.93 0.18 -5.00
CA GLY A 140 18.08 -0.34 -4.28
C GLY A 140 18.43 0.33 -2.96
N LEU A 141 17.56 1.20 -2.46
CA LEU A 141 17.85 1.91 -1.20
C LEU A 141 17.51 1.12 0.06
N MSE A 142 16.45 0.31 0.02
CA MSE A 142 16.08 -0.47 1.20
C MSE A 142 17.20 -1.39 1.70
O MSE A 142 17.13 -1.92 2.81
CB MSE A 142 14.83 -1.31 0.92
CG MSE A 142 13.55 -0.49 0.90
SE MSE A 142 13.27 0.45 2.58
CE MSE A 142 14.28 2.06 2.21
N GLU A 143 18.25 -1.56 0.89
CA GLU A 143 19.38 -2.39 1.28
C GLU A 143 20.09 -1.74 2.46
N PHE A 144 19.96 -0.42 2.58
CA PHE A 144 20.61 0.33 3.65
C PHE A 144 19.66 0.87 4.72
N ILE A 145 18.43 0.39 4.73
CA ILE A 145 17.46 0.83 5.72
C ILE A 145 16.98 -0.36 6.54
N ASP A 146 17.26 -0.33 7.84
CA ASP A 146 16.89 -1.42 8.73
C ASP A 146 15.39 -1.48 9.09
N LYS A 147 14.76 -0.33 9.25
CA LYS A 147 13.33 -0.32 9.55
C LYS A 147 12.63 0.91 9.02
N THR A 148 11.33 0.78 8.77
CA THR A 148 10.52 1.88 8.27
C THR A 148 9.36 2.16 9.19
N PHE A 149 9.10 3.45 9.41
CA PHE A 149 8.02 3.89 10.27
C PHE A 149 7.21 4.92 9.52
N PHE A 150 6.16 4.47 8.85
CA PHE A 150 5.30 5.38 8.09
C PHE A 150 4.06 5.75 8.89
N ALA A 151 3.60 6.98 8.74
CA ALA A 151 2.45 7.46 9.48
C ALA A 151 1.16 6.64 9.33
N ASP A 152 0.89 6.14 8.14
CA ASP A 152 -0.32 5.37 7.91
C ASP A 152 -0.24 3.96 8.47
N GLU A 153 0.97 3.50 8.76
CA GLU A 153 1.18 2.17 9.29
C GLU A 153 1.42 2.15 10.80
N VAL A 154 2.18 3.11 11.27
CA VAL A 154 2.53 3.23 12.67
C VAL A 154 1.52 4.04 13.48
N LEU A 155 0.63 4.75 12.80
CA LEU A 155 -0.41 5.56 13.43
C LEU A 155 0.09 6.76 14.23
N SER A 156 1.02 7.50 13.66
CA SER A 156 1.56 8.71 14.27
C SER A 156 2.25 9.52 13.17
N TYR A 157 2.61 10.77 13.46
CA TYR A 157 3.25 11.59 12.43
C TYR A 157 4.15 12.67 12.99
N LYS A 158 5.15 13.04 12.21
CA LYS A 158 6.10 14.08 12.60
C LYS A 158 5.32 15.40 12.48
N PRO A 159 5.60 16.39 13.33
CA PRO A 159 6.59 16.42 14.42
C PRO A 159 6.20 15.83 15.77
N ARG A 160 5.06 15.15 15.84
CA ARG A 160 4.65 14.59 17.12
C ARG A 160 5.73 13.77 17.80
N LYS A 161 5.89 14.00 19.09
CA LYS A 161 6.87 13.33 19.91
C LYS A 161 6.79 11.79 19.95
N GLU A 162 5.59 11.23 19.96
CA GLU A 162 5.46 9.77 20.03
C GLU A 162 6.01 9.08 18.78
N MSE A 163 5.92 9.75 17.63
CA MSE A 163 6.43 9.18 16.38
C MSE A 163 7.92 8.90 16.48
O MSE A 163 8.39 7.82 16.14
CB MSE A 163 6.15 10.13 15.20
CG MSE A 163 6.80 9.71 13.89
SE MSE A 163 6.32 7.91 13.27
CE MSE A 163 5.27 8.40 11.73
N PHE A 164 8.67 9.89 16.97
CA PHE A 164 10.10 9.74 17.10
C PHE A 164 10.43 8.76 18.21
N GLU A 165 9.64 8.77 19.28
CA GLU A 165 9.86 7.88 20.40
C GLU A 165 9.64 6.41 20.02
N LYS A 166 8.72 6.16 19.09
CA LYS A 166 8.46 4.78 18.66
C LYS A 166 9.75 4.22 18.09
N VAL A 167 10.40 5.02 17.25
CA VAL A 167 11.64 4.64 16.61
C VAL A 167 12.75 4.46 17.63
N LEU A 168 12.78 5.32 18.65
CA LEU A 168 13.80 5.22 19.68
C LEU A 168 13.57 3.96 20.52
N ASN A 169 12.31 3.69 20.83
CA ASN A 169 11.97 2.51 21.62
C ASN A 169 12.20 1.24 20.82
N SER A 170 12.05 1.34 19.50
CA SER A 170 12.23 0.19 18.62
C SER A 170 13.70 -0.21 18.58
N PHE A 171 14.57 0.77 18.39
CA PHE A 171 16.01 0.52 18.33
C PHE A 171 16.61 0.56 19.72
N GLU A 172 15.74 0.80 20.70
CA GLU A 172 16.15 0.84 22.09
C GLU A 172 17.41 1.67 22.33
N VAL A 173 17.38 2.94 21.92
CA VAL A 173 18.52 3.82 22.10
C VAL A 173 18.06 5.14 22.69
N LYS A 174 18.97 5.86 23.33
CA LYS A 174 18.64 7.15 23.92
C LYS A 174 18.63 8.22 22.83
N PRO A 175 17.78 9.25 22.99
CA PRO A 175 17.67 10.36 22.03
C PRO A 175 19.03 10.88 21.62
N GLU A 176 19.95 10.93 22.58
CA GLU A 176 21.29 11.43 22.33
C GLU A 176 22.13 10.52 21.42
N GLU A 177 21.71 9.28 21.23
CA GLU A 177 22.45 8.37 20.37
C GLU A 177 21.76 8.29 19.00
N SER A 178 20.94 9.29 18.70
CA SER A 178 20.21 9.30 17.44
C SER A 178 20.30 10.63 16.70
N LEU A 179 20.30 10.54 15.37
CA LEU A 179 20.35 11.72 14.53
C LEU A 179 19.27 11.55 13.47
N HIS A 180 18.44 12.57 13.31
CA HIS A 180 17.38 12.52 12.30
C HIS A 180 17.62 13.61 11.26
N ILE A 181 17.52 13.25 9.98
CA ILE A 181 17.69 14.22 8.93
C ILE A 181 16.45 14.28 8.05
N GLY A 182 16.02 15.50 7.77
CA GLY A 182 14.84 15.72 6.94
C GLY A 182 14.86 17.11 6.35
N ASP A 183 14.01 17.38 5.37
CA ASP A 183 14.02 18.69 4.72
C ASP A 183 12.92 19.65 5.18
N THR A 184 12.05 19.22 6.09
CA THR A 184 10.98 20.08 6.61
C THR A 184 11.35 20.56 8.01
N TYR A 185 11.55 21.87 8.13
CA TYR A 185 11.95 22.46 9.40
C TYR A 185 11.03 22.13 10.58
N ALA A 186 9.73 22.37 10.40
CA ALA A 186 8.76 22.11 11.46
C ALA A 186 8.51 20.63 11.79
N GLU A 187 8.39 19.78 10.77
CA GLU A 187 8.15 18.37 11.02
C GLU A 187 9.40 17.59 11.40
N ASP A 188 10.41 17.63 10.53
CA ASP A 188 11.65 16.89 10.76
C ASP A 188 12.58 17.49 11.81
N TYR A 189 13.08 18.69 11.55
CA TYR A 189 14.01 19.36 12.44
C TYR A 189 13.53 19.66 13.85
N GLN A 190 12.47 20.47 13.98
CA GLN A 190 11.95 20.82 15.30
C GLN A 190 11.37 19.63 16.05
N GLY A 191 10.87 18.64 15.32
CA GLY A 191 10.30 17.46 15.94
C GLY A 191 11.43 16.60 16.49
N ALA A 192 12.47 16.42 15.71
CA ALA A 192 13.59 15.61 16.17
C ALA A 192 14.30 16.26 17.34
N ARG A 193 14.52 17.56 17.26
CA ARG A 193 15.23 18.25 18.33
C ARG A 193 14.48 18.33 19.65
N LYS A 194 13.16 18.54 19.61
CA LYS A 194 12.42 18.62 20.86
C LYS A 194 12.41 17.27 21.58
N VAL A 195 12.75 16.21 20.84
CA VAL A 195 12.78 14.88 21.44
C VAL A 195 14.15 14.57 22.02
N GLY A 196 15.12 15.44 21.75
CA GLY A 196 16.46 15.24 22.28
C GLY A 196 17.49 14.66 21.32
N MSE A 197 17.04 14.27 20.12
CA MSE A 197 17.94 13.69 19.13
C MSE A 197 18.75 14.78 18.44
O MSE A 197 18.43 15.97 18.53
CB MSE A 197 17.17 12.95 18.05
CG MSE A 197 16.11 11.97 18.51
SE MSE A 197 15.01 11.51 16.98
CE MSE A 197 13.65 12.82 17.22
N TRP A 198 19.80 14.37 17.73
CA TRP A 198 20.57 15.32 16.95
C TRP A 198 19.67 15.57 15.76
N ALA A 199 19.60 16.81 15.29
CA ALA A 199 18.74 17.10 14.16
C ALA A 199 19.48 17.80 13.04
N VAL A 200 19.25 17.35 11.81
CA VAL A 200 19.86 17.94 10.63
C VAL A 200 18.75 18.34 9.66
N TRP A 201 18.68 19.63 9.37
CA TRP A 201 17.68 20.14 8.44
C TRP A 201 18.29 20.33 7.06
N ILE A 202 17.76 19.62 6.07
CA ILE A 202 18.28 19.78 4.72
C ILE A 202 17.66 21.04 4.15
N ASN A 203 18.50 22.02 3.83
CA ASN A 203 18.05 23.28 3.25
C ASN A 203 18.77 23.47 1.92
N GLN A 204 18.05 23.23 0.83
CA GLN A 204 18.61 23.34 -0.51
C GLN A 204 19.21 24.72 -0.80
N GLU A 205 18.51 25.76 -0.35
CA GLU A 205 18.97 27.12 -0.57
C GLU A 205 20.23 27.40 0.24
N GLY A 206 20.72 26.35 0.91
CA GLY A 206 21.91 26.48 1.73
C GLY A 206 23.19 26.39 0.92
N ASP A 207 24.26 26.96 1.46
CA ASP A 207 25.54 27.00 0.79
C ASP A 207 26.62 26.11 1.42
N LYS A 208 26.52 25.86 2.73
CA LYS A 208 27.51 25.07 3.44
C LYS A 208 26.92 24.39 4.68
N VAL A 209 27.70 23.52 5.30
CA VAL A 209 27.26 22.87 6.53
C VAL A 209 27.28 23.98 7.58
N ARG A 210 26.22 24.08 8.38
CA ARG A 210 26.16 25.10 9.41
C ARG A 210 25.57 24.58 10.70
N LYS A 211 26.22 24.89 11.81
CA LYS A 211 25.72 24.48 13.11
C LYS A 211 24.63 25.49 13.38
N LEU A 212 23.39 25.02 13.52
CA LEU A 212 22.29 25.94 13.79
C LEU A 212 22.22 26.25 15.28
N GLU A 213 22.55 25.26 16.09
CA GLU A 213 22.53 25.41 17.53
C GLU A 213 22.94 24.12 18.21
N GLU A 214 22.61 24.00 19.48
CA GLU A 214 22.94 22.80 20.23
C GLU A 214 22.20 21.61 19.62
N ARG A 215 22.96 20.67 19.06
CA ARG A 215 22.38 19.48 18.46
C ARG A 215 21.60 19.78 17.18
N GLY A 216 21.76 20.98 16.63
CA GLY A 216 21.04 21.35 15.42
C GLY A 216 21.97 21.76 14.29
N PHE A 217 21.80 21.14 13.12
CA PHE A 217 22.62 21.42 11.96
C PHE A 217 21.76 21.65 10.72
N GLU A 218 22.35 22.35 9.75
CA GLU A 218 21.72 22.67 8.48
C GLU A 218 22.71 22.33 7.39
N ILE A 219 22.25 21.60 6.38
CA ILE A 219 23.12 21.22 5.25
C ILE A 219 22.30 21.33 3.96
N PRO A 220 22.97 21.58 2.83
CA PRO A 220 22.31 21.72 1.52
C PRO A 220 21.73 20.45 0.91
N SER A 221 22.28 19.29 1.23
CA SER A 221 21.78 18.02 0.72
C SER A 221 22.34 16.86 1.52
N ILE A 222 21.76 15.68 1.33
CA ILE A 222 22.17 14.50 2.05
C ILE A 222 23.64 14.12 1.82
N ALA A 223 24.27 14.77 0.84
CA ALA A 223 25.67 14.49 0.52
C ALA A 223 26.61 14.98 1.61
N ASN A 224 26.12 15.88 2.46
CA ASN A 224 26.95 16.41 3.52
C ASN A 224 26.61 15.81 4.89
N LEU A 225 25.79 14.77 4.89
CA LEU A 225 25.41 14.14 6.14
C LEU A 225 26.66 13.60 6.83
N LYS A 226 27.51 12.95 6.04
CA LYS A 226 28.74 12.36 6.56
C LYS A 226 29.61 13.37 7.30
N ASP A 227 29.57 14.63 6.88
CA ASP A 227 30.37 15.66 7.55
C ASP A 227 29.89 15.86 8.97
N VAL A 228 28.58 15.87 9.15
CA VAL A 228 28.01 16.03 10.47
C VAL A 228 28.32 14.78 11.25
N ILE A 229 28.08 13.62 10.63
CA ILE A 229 28.32 12.35 11.30
C ILE A 229 29.74 12.25 11.85
N GLU A 230 30.73 12.57 11.02
CA GLU A 230 32.10 12.48 11.49
C GLU A 230 32.44 13.60 12.46
N LEU A 231 31.72 14.72 12.36
CA LEU A 231 31.95 15.86 13.23
C LEU A 231 31.63 15.56 14.69
N ILE A 232 30.49 14.91 14.93
CA ILE A 232 30.09 14.60 16.30
C ILE A 232 30.48 13.19 16.77
N SER A 233 31.36 12.55 16.02
CA SER A 233 31.83 11.21 16.35
C SER A 233 33.24 11.27 16.94
N MSE B 1 -37.89 -11.30 -12.14
CA MSE B 1 -36.95 -10.91 -11.04
C MSE B 1 -36.29 -9.57 -11.36
O MSE B 1 -36.31 -9.12 -12.49
CB MSE B 1 -35.86 -11.97 -10.88
CG MSE B 1 -36.35 -13.39 -10.71
SE MSE B 1 -34.92 -14.71 -10.68
CE MSE B 1 -34.13 -14.36 -12.42
N ARG B 2 -35.71 -8.96 -10.33
CA ARG B 2 -35.02 -7.69 -10.48
C ARG B 2 -33.81 -7.88 -11.41
N GLU B 3 -33.44 -6.86 -12.17
CA GLU B 3 -32.32 -6.96 -13.09
C GLU B 3 -30.97 -6.63 -12.44
N VAL B 4 -29.96 -7.44 -12.74
CA VAL B 4 -28.61 -7.24 -12.21
C VAL B 4 -28.00 -5.97 -12.81
N LYS B 5 -27.48 -5.11 -11.93
CA LYS B 5 -26.86 -3.84 -12.33
C LYS B 5 -25.38 -3.78 -11.96
N LEU B 6 -24.98 -4.63 -11.02
CA LEU B 6 -23.61 -4.64 -10.55
C LEU B 6 -23.00 -6.04 -10.43
N VAL B 7 -21.85 -6.21 -11.05
CA VAL B 7 -21.12 -7.45 -10.99
C VAL B 7 -19.83 -7.16 -10.22
N THR B 8 -19.57 -7.90 -9.15
CA THR B 8 -18.37 -7.71 -8.33
C THR B 8 -17.42 -8.90 -8.48
N PHE B 9 -16.11 -8.61 -8.49
CA PHE B 9 -15.09 -9.62 -8.70
C PHE B 9 -14.04 -9.81 -7.61
N ASP B 10 -13.75 -11.07 -7.32
CA ASP B 10 -12.71 -11.46 -6.37
C ASP B 10 -11.46 -11.32 -7.23
N VAL B 11 -10.28 -11.23 -6.64
CA VAL B 11 -9.08 -11.10 -7.47
C VAL B 11 -8.22 -12.37 -7.58
N TRP B 12 -7.66 -12.82 -6.46
CA TRP B 12 -6.81 -13.99 -6.52
C TRP B 12 -7.52 -15.29 -6.84
N ASN B 13 -7.10 -15.88 -7.95
CA ASN B 13 -7.65 -17.12 -8.50
C ASN B 13 -8.96 -16.89 -9.26
N THR B 14 -9.31 -15.63 -9.48
CA THR B 14 -10.49 -15.29 -10.27
C THR B 14 -10.04 -14.44 -11.45
N LEU B 15 -9.21 -13.43 -11.18
CA LEU B 15 -8.68 -12.58 -12.24
C LEU B 15 -7.18 -12.87 -12.40
N LEU B 16 -6.48 -12.95 -11.27
CA LEU B 16 -5.05 -13.21 -11.26
C LEU B 16 -4.66 -14.56 -10.69
N ASP B 17 -3.50 -15.06 -11.12
CA ASP B 17 -2.98 -16.35 -10.68
C ASP B 17 -2.30 -16.18 -9.33
N LEU B 18 -2.88 -16.80 -8.29
CA LEU B 18 -2.33 -16.71 -6.92
C LEU B 18 -1.05 -17.47 -6.63
N ASN B 19 -0.93 -18.70 -7.14
CA ASN B 19 0.26 -19.48 -6.90
C ASN B 19 1.55 -18.86 -7.43
N ILE B 20 1.49 -18.22 -8.59
CA ILE B 20 2.70 -17.61 -9.13
C ILE B 20 3.12 -16.49 -8.17
N MSE B 21 2.16 -15.70 -7.74
CA MSE B 21 2.43 -14.59 -6.83
C MSE B 21 2.96 -15.08 -5.49
O MSE B 21 3.89 -14.51 -4.95
CB MSE B 21 1.17 -13.76 -6.61
CG MSE B 21 1.40 -12.53 -5.73
SE MSE B 21 2.75 -11.27 -6.36
CE MSE B 21 3.15 -10.35 -4.68
N LEU B 22 2.34 -16.13 -4.94
CA LEU B 22 2.76 -16.65 -3.66
C LEU B 22 4.17 -17.25 -3.74
N ASP B 23 4.46 -17.91 -4.85
CA ASP B 23 5.77 -18.51 -5.08
C ASP B 23 6.85 -17.43 -5.27
N GLU B 24 6.50 -16.35 -5.97
CA GLU B 24 7.47 -15.27 -6.17
C GLU B 24 7.76 -14.64 -4.80
N PHE B 25 6.72 -14.56 -3.97
CA PHE B 25 6.82 -13.99 -2.62
C PHE B 25 7.68 -14.85 -1.68
N SER B 26 7.42 -16.16 -1.65
CA SER B 26 8.17 -17.08 -0.81
C SER B 26 9.65 -17.00 -1.19
N HIS B 27 9.87 -17.03 -2.50
CA HIS B 27 11.21 -16.93 -3.05
C HIS B 27 11.88 -15.65 -2.59
N GLN B 28 11.21 -14.51 -2.82
CA GLN B 28 11.80 -13.24 -2.43
C GLN B 28 12.03 -13.11 -0.92
N LEU B 29 11.09 -13.61 -0.12
CA LEU B 29 11.28 -13.54 1.31
C LEU B 29 12.49 -14.40 1.72
N ALA B 30 12.60 -15.58 1.13
CA ALA B 30 13.72 -16.48 1.45
C ALA B 30 15.05 -15.84 1.07
N LYS B 31 15.05 -15.15 -0.07
CA LYS B 31 16.27 -14.51 -0.55
C LYS B 31 16.82 -13.45 0.40
N ILE B 32 15.99 -12.51 0.83
CA ILE B 32 16.48 -11.45 1.72
C ILE B 32 16.65 -11.90 3.15
N SER B 33 16.08 -13.04 3.52
CA SER B 33 16.19 -13.53 4.89
C SER B 33 17.35 -14.52 5.05
N GLY B 34 17.84 -15.06 3.94
CA GLY B 34 18.92 -16.01 3.99
C GLY B 34 18.47 -17.37 4.51
N LEU B 35 17.16 -17.62 4.41
CA LEU B 35 16.57 -18.86 4.87
C LEU B 35 16.27 -19.80 3.71
N HIS B 36 16.14 -21.09 4.04
CA HIS B 36 15.86 -22.12 3.06
C HIS B 36 14.44 -21.95 2.49
N ILE B 37 14.35 -21.94 1.17
CA ILE B 37 13.08 -21.76 0.48
C ILE B 37 11.95 -22.67 0.95
N LYS B 38 12.29 -23.89 1.37
CA LYS B 38 11.27 -24.83 1.84
C LYS B 38 10.64 -24.39 3.19
N ASP B 39 11.46 -23.87 4.10
CA ASP B 39 10.94 -23.41 5.38
C ASP B 39 10.04 -22.20 5.16
N VAL B 40 10.43 -21.31 4.26
CA VAL B 40 9.63 -20.13 3.97
C VAL B 40 8.34 -20.52 3.26
N ALA B 41 8.44 -21.42 2.29
CA ALA B 41 7.26 -21.85 1.54
C ALA B 41 6.27 -22.54 2.47
N ASN B 42 6.78 -23.32 3.43
CA ASN B 42 5.90 -23.99 4.37
C ASN B 42 5.24 -23.01 5.35
N ALA B 43 6.00 -22.03 5.82
CA ALA B 43 5.44 -21.04 6.75
C ALA B 43 4.29 -20.29 6.09
N VAL B 44 4.43 -19.96 4.81
CA VAL B 44 3.39 -19.23 4.07
C VAL B 44 2.09 -20.03 4.01
N ILE B 45 2.21 -21.32 3.73
CA ILE B 45 1.04 -22.18 3.65
C ILE B 45 0.36 -22.29 5.02
N GLU B 46 1.16 -22.43 6.08
CA GLU B 46 0.62 -22.53 7.42
C GLU B 46 -0.17 -21.27 7.81
N VAL B 47 0.41 -20.09 7.59
CA VAL B 47 -0.26 -18.83 7.91
C VAL B 47 -1.53 -18.68 7.08
N ARG B 48 -1.44 -19.03 5.79
CA ARG B 48 -2.60 -18.93 4.91
C ARG B 48 -3.70 -19.92 5.31
N ASN B 49 -3.33 -21.13 5.72
CA ASN B 49 -4.35 -22.09 6.11
C ASN B 49 -5.05 -21.57 7.36
N GLU B 50 -4.24 -21.17 8.34
CA GLU B 50 -4.74 -20.64 9.60
C GLU B 50 -5.72 -19.48 9.41
N ILE B 51 -5.31 -18.45 8.68
CA ILE B 51 -6.18 -17.29 8.49
C ILE B 51 -7.43 -17.62 7.68
N LYS B 52 -7.30 -18.50 6.70
CA LYS B 52 -8.45 -18.89 5.89
C LYS B 52 -9.47 -19.59 6.79
N LYS B 53 -8.99 -20.40 7.71
CA LYS B 53 -9.85 -21.13 8.63
C LYS B 53 -10.57 -20.13 9.56
N MSE B 54 -9.86 -19.10 9.98
CA MSE B 54 -10.46 -18.09 10.84
C MSE B 54 -11.48 -17.26 10.08
O MSE B 54 -12.61 -17.09 10.53
CB MSE B 54 -9.40 -17.13 11.40
CG MSE B 54 -8.48 -17.71 12.46
SE MSE B 54 -7.30 -16.31 13.14
CE MSE B 54 -8.52 -15.46 14.34
N ARG B 55 -11.09 -16.73 8.93
CA ARG B 55 -11.98 -15.88 8.15
C ARG B 55 -13.30 -16.50 7.76
N ALA B 56 -13.29 -17.81 7.53
CA ALA B 56 -14.51 -18.51 7.15
C ALA B 56 -15.55 -18.34 8.26
N GLN B 57 -15.06 -18.22 9.49
CA GLN B 57 -15.93 -18.06 10.66
C GLN B 57 -15.91 -16.60 11.15
N ALA B 58 -15.34 -15.70 10.34
CA ALA B 58 -15.23 -14.29 10.70
C ALA B 58 -14.50 -14.12 12.04
N SER B 59 -13.53 -15.01 12.31
CA SER B 59 -12.78 -14.98 13.57
C SER B 59 -11.53 -14.13 13.62
N GLU B 60 -11.06 -13.64 12.48
CA GLU B 60 -9.87 -12.79 12.51
C GLU B 60 -10.36 -11.36 12.75
N ASP B 61 -9.65 -10.64 13.60
CA ASP B 61 -9.99 -9.25 13.88
C ASP B 61 -9.68 -8.49 12.58
N PRO B 62 -10.69 -7.88 11.94
CA PRO B 62 -10.50 -7.12 10.70
C PRO B 62 -9.38 -6.08 10.73
N ARG B 63 -9.08 -5.56 11.92
CA ARG B 63 -8.03 -4.57 12.06
C ARG B 63 -6.66 -5.19 11.79
N LYS B 64 -6.59 -6.52 11.85
CA LYS B 64 -5.33 -7.21 11.61
C LYS B 64 -5.37 -7.99 10.29
N VAL B 65 -6.35 -7.69 9.44
CA VAL B 65 -6.49 -8.40 8.19
C VAL B 65 -5.18 -8.43 7.41
N LEU B 66 -4.34 -7.43 7.61
CA LEU B 66 -3.04 -7.40 6.93
C LEU B 66 -1.92 -7.73 7.91
N THR B 67 -1.77 -6.89 8.93
CA THR B 67 -0.73 -7.06 9.94
C THR B 67 -0.69 -8.44 10.57
N GLY B 68 -1.84 -9.08 10.72
CA GLY B 68 -1.88 -10.41 11.31
C GLY B 68 -1.03 -11.39 10.53
N SER B 69 -1.32 -11.52 9.24
CA SER B 69 -0.60 -12.43 8.36
C SER B 69 0.88 -12.10 8.32
N GLN B 70 1.20 -10.81 8.29
CA GLN B 70 2.60 -10.38 8.26
C GLN B 70 3.35 -10.76 9.53
N GLU B 71 2.74 -10.52 10.68
CA GLU B 71 3.40 -10.83 11.94
C GLU B 71 3.43 -12.33 12.23
N ALA B 72 2.43 -13.05 11.75
CA ALA B 72 2.39 -14.49 11.96
C ALA B 72 3.53 -15.10 11.17
N LEU B 73 3.69 -14.66 9.93
CA LEU B 73 4.76 -15.16 9.09
C LEU B 73 6.12 -14.81 9.67
N ALA B 74 6.29 -13.55 10.06
CA ALA B 74 7.56 -13.10 10.63
C ALA B 74 7.94 -13.96 11.84
N GLY B 75 6.95 -14.28 12.67
CA GLY B 75 7.20 -15.07 13.86
C GLY B 75 7.56 -16.51 13.55
N LYS B 76 6.91 -17.08 12.55
CA LYS B 76 7.21 -18.46 12.20
C LYS B 76 8.67 -18.60 11.75
N LEU B 77 9.14 -17.62 10.97
CA LEU B 77 10.49 -17.65 10.43
C LEU B 77 11.55 -16.96 11.28
N LYS B 78 11.13 -16.36 12.38
CA LYS B 78 12.06 -15.67 13.26
C LYS B 78 12.79 -14.49 12.57
N VAL B 79 12.05 -13.65 11.85
CA VAL B 79 12.64 -12.49 11.19
C VAL B 79 11.80 -11.23 11.48
N ASP B 80 12.40 -10.07 11.23
CA ASP B 80 11.69 -8.82 11.45
C ASP B 80 10.59 -8.75 10.38
N VAL B 81 9.41 -8.27 10.76
CA VAL B 81 8.31 -8.18 9.83
C VAL B 81 8.67 -7.22 8.69
N GLU B 82 9.72 -6.44 8.91
CA GLU B 82 10.17 -5.50 7.89
C GLU B 82 10.59 -6.30 6.64
N LEU B 83 11.21 -7.47 6.86
CA LEU B 83 11.63 -8.30 5.73
C LEU B 83 10.43 -8.85 4.96
N VAL B 84 9.33 -9.08 5.65
CA VAL B 84 8.14 -9.57 5.00
C VAL B 84 7.61 -8.48 4.08
N LYS B 85 7.55 -7.25 4.59
CA LYS B 85 7.06 -6.12 3.81
C LYS B 85 7.92 -5.90 2.58
N ARG B 86 9.24 -5.97 2.75
CA ARG B 86 10.15 -5.77 1.62
C ARG B 86 10.01 -6.89 0.59
N ALA B 87 9.79 -8.11 1.05
CA ALA B 87 9.65 -9.24 0.13
C ALA B 87 8.43 -9.04 -0.77
N THR B 88 7.31 -8.59 -0.21
CA THR B 88 6.12 -8.35 -1.01
C THR B 88 6.37 -7.26 -2.06
N ALA B 89 7.16 -6.25 -1.71
CA ALA B 89 7.45 -5.17 -2.63
C ALA B 89 8.25 -5.71 -3.82
N ARG B 90 9.26 -6.53 -3.51
CA ARG B 90 10.09 -7.10 -4.56
C ARG B 90 9.33 -8.09 -5.42
N ALA B 91 8.45 -8.87 -4.80
CA ALA B 91 7.68 -9.87 -5.54
C ALA B 91 6.73 -9.18 -6.53
N ILE B 92 6.14 -8.08 -6.09
CA ILE B 92 5.21 -7.31 -6.93
C ILE B 92 5.94 -6.70 -8.12
N LEU B 93 7.21 -6.38 -7.94
CA LEU B 93 8.00 -5.81 -9.02
C LEU B 93 8.52 -6.91 -9.95
N ASN B 94 8.65 -8.13 -9.42
CA ASN B 94 9.17 -9.25 -10.22
C ASN B 94 8.15 -10.03 -11.04
N VAL B 95 6.88 -10.03 -10.65
CA VAL B 95 5.87 -10.76 -11.42
C VAL B 95 5.54 -9.99 -12.70
N ASP B 96 4.80 -10.66 -13.59
CA ASP B 96 4.39 -10.03 -14.85
C ASP B 96 3.03 -10.51 -15.36
N GLU B 97 2.71 -10.12 -16.60
CA GLU B 97 1.46 -10.44 -17.27
C GLU B 97 1.03 -11.91 -17.23
N SER B 98 1.97 -12.81 -17.02
CA SER B 98 1.62 -14.22 -16.97
C SER B 98 0.67 -14.47 -15.79
N LEU B 99 0.55 -13.46 -14.93
CA LEU B 99 -0.32 -13.55 -13.77
C LEU B 99 -1.79 -13.48 -14.18
N VAL B 100 -2.06 -12.84 -15.33
CA VAL B 100 -3.45 -12.70 -15.76
C VAL B 100 -4.05 -14.01 -16.26
N LEU B 101 -5.15 -14.44 -15.65
CA LEU B 101 -5.80 -15.68 -16.02
C LEU B 101 -6.54 -15.56 -17.35
N GLU B 102 -6.61 -16.68 -18.07
CA GLU B 102 -7.26 -16.74 -19.38
C GLU B 102 -8.73 -16.30 -19.31
N GLY B 103 -9.14 -15.51 -20.30
CA GLY B 103 -10.52 -15.06 -20.35
C GLY B 103 -10.90 -13.94 -19.38
N THR B 104 -9.97 -13.54 -18.53
CA THR B 104 -10.26 -12.50 -17.55
C THR B 104 -10.66 -11.15 -18.16
N LYS B 105 -9.81 -10.59 -19.01
CA LYS B 105 -10.11 -9.30 -19.61
C LYS B 105 -11.38 -9.35 -20.47
N GLU B 106 -11.62 -10.50 -21.10
CA GLU B 106 -12.80 -10.68 -21.94
C GLU B 106 -14.10 -10.68 -21.14
N ALA B 107 -14.08 -11.29 -19.95
CA ALA B 107 -15.28 -11.32 -19.11
C ALA B 107 -15.59 -9.93 -18.58
N LEU B 108 -14.54 -9.19 -18.23
CA LEU B 108 -14.72 -7.84 -17.72
C LEU B 108 -15.32 -6.99 -18.83
N GLN B 109 -14.79 -7.13 -20.04
CA GLN B 109 -15.30 -6.37 -21.18
C GLN B 109 -16.75 -6.72 -21.47
N PHE B 110 -17.10 -7.98 -21.30
CA PHE B 110 -18.47 -8.41 -21.53
C PHE B 110 -19.40 -7.67 -20.59
N VAL B 111 -19.02 -7.59 -19.32
CA VAL B 111 -19.84 -6.92 -18.32
C VAL B 111 -20.00 -5.44 -18.64
N LYS B 112 -18.88 -4.75 -18.81
CA LYS B 112 -18.90 -3.33 -19.11
C LYS B 112 -19.64 -2.98 -20.41
N GLU B 113 -19.63 -3.90 -21.38
CA GLU B 113 -20.32 -3.64 -22.62
C GLU B 113 -21.84 -3.78 -22.52
N ARG B 114 -22.31 -4.44 -21.46
CA ARG B 114 -23.75 -4.59 -21.28
C ARG B 114 -24.22 -3.44 -20.42
N GLY B 115 -23.33 -2.48 -20.18
CA GLY B 115 -23.68 -1.31 -19.39
C GLY B 115 -23.72 -1.56 -17.89
N LEU B 116 -23.18 -2.69 -17.45
CA LEU B 116 -23.19 -3.03 -16.02
C LEU B 116 -22.04 -2.36 -15.27
N LYS B 117 -22.23 -2.18 -13.96
CA LYS B 117 -21.23 -1.59 -13.10
C LYS B 117 -20.31 -2.70 -12.58
N THR B 118 -19.02 -2.42 -12.47
CA THR B 118 -18.07 -3.41 -11.98
C THR B 118 -17.31 -2.98 -10.73
N ALA B 119 -16.91 -3.96 -9.94
CA ALA B 119 -16.15 -3.68 -8.73
C ALA B 119 -15.32 -4.87 -8.32
N VAL B 120 -14.28 -4.59 -7.55
CA VAL B 120 -13.40 -5.62 -7.04
C VAL B 120 -13.58 -5.66 -5.52
N ILE B 121 -13.82 -6.86 -5.00
CA ILE B 121 -13.96 -7.07 -3.57
C ILE B 121 -12.93 -8.16 -3.27
N GLY B 122 -11.78 -7.76 -2.73
CA GLY B 122 -10.74 -8.75 -2.44
C GLY B 122 -10.20 -8.63 -1.04
N ASN B 123 -9.94 -9.78 -0.42
CA ASN B 123 -9.37 -9.82 0.93
C ASN B 123 -7.89 -9.62 0.72
N VAL B 124 -7.13 -9.46 1.79
CA VAL B 124 -5.69 -9.26 1.62
C VAL B 124 -4.95 -10.15 2.58
N MSE B 125 -3.70 -10.43 2.25
CA MSE B 125 -2.84 -11.25 3.07
C MSE B 125 -1.40 -11.05 2.60
O MSE B 125 -1.12 -11.07 1.41
CB MSE B 125 -3.25 -12.72 2.94
CG MSE B 125 -2.80 -13.59 4.11
SE MSE B 125 -3.14 -15.48 3.84
CE MSE B 125 -5.08 -15.47 3.76
N PHE B 126 -0.49 -10.85 3.56
CA PHE B 126 0.94 -10.64 3.28
C PHE B 126 1.24 -9.29 2.66
N TRP B 127 0.55 -8.96 1.56
CA TRP B 127 0.76 -7.67 0.90
C TRP B 127 -0.54 -6.86 0.89
N PRO B 128 -0.43 -5.53 1.03
CA PRO B 128 -1.61 -4.67 1.05
C PRO B 128 -2.42 -4.61 -0.24
N GLY B 129 -3.66 -4.12 -0.13
CA GLY B 129 -4.52 -4.02 -1.29
C GLY B 129 -3.92 -3.10 -2.34
N SER B 130 -3.13 -2.12 -1.90
CA SER B 130 -2.50 -1.19 -2.82
C SER B 130 -1.54 -1.89 -3.77
N TYR B 131 -0.96 -3.01 -3.34
CA TYR B 131 -0.03 -3.74 -4.19
C TYR B 131 -0.80 -4.49 -5.27
N THR B 132 -1.93 -5.06 -4.88
CA THR B 132 -2.80 -5.78 -5.79
C THR B 132 -3.44 -4.79 -6.79
N ARG B 133 -3.77 -3.58 -6.33
CA ARG B 133 -4.34 -2.56 -7.21
C ARG B 133 -3.31 -2.17 -8.27
N LEU B 134 -2.04 -2.14 -7.85
CA LEU B 134 -0.97 -1.80 -8.77
C LEU B 134 -0.96 -2.82 -9.91
N LEU B 135 -1.13 -4.10 -9.57
CA LEU B 135 -1.13 -5.16 -10.59
C LEU B 135 -2.31 -5.02 -11.53
N LEU B 136 -3.51 -4.77 -10.99
CA LEU B 136 -4.68 -4.62 -11.84
C LEU B 136 -4.47 -3.45 -12.79
N GLU B 137 -3.98 -2.34 -12.26
CA GLU B 137 -3.74 -1.17 -13.09
C GLU B 137 -2.70 -1.47 -14.17
N ARG B 138 -1.62 -2.12 -13.77
CA ARG B 138 -0.52 -2.48 -14.65
C ARG B 138 -0.89 -3.44 -15.79
N PHE B 139 -1.81 -4.35 -15.55
CA PHE B 139 -2.19 -5.30 -16.60
C PHE B 139 -3.37 -4.82 -17.46
N GLY B 140 -3.82 -3.60 -17.23
CA GLY B 140 -4.91 -3.05 -18.01
C GLY B 140 -6.31 -3.43 -17.56
N LEU B 141 -6.42 -4.15 -16.46
CA LEU B 141 -7.72 -4.58 -15.96
C LEU B 141 -8.55 -3.43 -15.38
N MSE B 142 -7.89 -2.48 -14.73
CA MSE B 142 -8.60 -1.35 -14.13
C MSE B 142 -9.47 -0.58 -15.11
O MSE B 142 -10.35 0.18 -14.72
CB MSE B 142 -7.62 -0.39 -13.45
CG MSE B 142 -7.04 -0.91 -12.14
SE MSE B 142 -8.39 -1.46 -10.83
CE MSE B 142 -9.48 0.15 -10.77
N GLU B 143 -9.21 -0.77 -16.40
CA GLU B 143 -10.01 -0.10 -17.43
C GLU B 143 -11.45 -0.61 -17.36
N PHE B 144 -11.62 -1.82 -16.83
CA PHE B 144 -12.92 -2.43 -16.75
C PHE B 144 -13.47 -2.54 -15.34
N ILE B 145 -12.77 -1.93 -14.39
CA ILE B 145 -13.19 -1.97 -12.99
C ILE B 145 -13.57 -0.56 -12.54
N ASP B 146 -14.81 -0.39 -12.09
CA ASP B 146 -15.27 0.93 -11.65
C ASP B 146 -14.81 1.30 -10.23
N LYS B 147 -14.84 0.33 -9.32
CA LYS B 147 -14.41 0.56 -7.94
C LYS B 147 -13.68 -0.62 -7.36
N THR B 148 -12.74 -0.35 -6.46
CA THR B 148 -11.96 -1.39 -5.81
C THR B 148 -12.15 -1.37 -4.30
N PHE B 149 -12.37 -2.53 -3.72
CA PHE B 149 -12.57 -2.62 -2.28
C PHE B 149 -11.64 -3.69 -1.72
N PHE B 150 -10.58 -3.25 -1.05
CA PHE B 150 -9.65 -4.20 -0.48
C PHE B 150 -9.82 -4.22 1.02
N ALA B 151 -9.79 -5.42 1.57
CA ALA B 151 -9.98 -5.64 3.00
C ALA B 151 -9.22 -4.71 3.93
N ASP B 152 -7.97 -4.41 3.61
CA ASP B 152 -7.17 -3.58 4.49
C ASP B 152 -7.57 -2.12 4.47
N GLU B 153 -8.15 -1.67 3.36
CA GLU B 153 -8.58 -0.29 3.20
C GLU B 153 -10.02 -0.05 3.72
N VAL B 154 -10.82 -1.11 3.77
CA VAL B 154 -12.21 -1.04 4.25
C VAL B 154 -12.34 -1.58 5.68
N LEU B 155 -11.27 -2.21 6.17
CA LEU B 155 -11.26 -2.78 7.51
C LEU B 155 -12.33 -3.86 7.71
N SER B 156 -12.38 -4.78 6.76
CA SER B 156 -13.32 -5.91 6.79
C SER B 156 -12.82 -6.94 5.78
N TYR B 157 -13.51 -8.07 5.67
CA TYR B 157 -13.11 -9.11 4.71
C TYR B 157 -14.25 -10.07 4.45
N LYS B 158 -14.28 -10.66 3.26
CA LYS B 158 -15.31 -11.62 2.90
C LYS B 158 -15.07 -12.81 3.84
N PRO B 159 -16.13 -13.50 4.29
CA PRO B 159 -17.56 -13.36 4.04
C PRO B 159 -18.37 -12.41 4.92
N ARG B 160 -17.70 -11.54 5.66
CA ARG B 160 -18.40 -10.61 6.54
C ARG B 160 -19.42 -9.72 5.83
N LYS B 161 -20.58 -9.62 6.44
CA LYS B 161 -21.70 -8.83 5.97
C LYS B 161 -21.38 -7.38 5.55
N GLU B 162 -20.70 -6.63 6.42
CA GLU B 162 -20.42 -5.23 6.11
C GLU B 162 -19.48 -5.02 4.94
N MSE B 163 -18.73 -6.06 4.60
CA MSE B 163 -17.80 -5.97 3.47
C MSE B 163 -18.59 -5.85 2.15
O MSE B 163 -18.33 -4.95 1.35
CB MSE B 163 -16.87 -7.20 3.43
CG MSE B 163 -15.90 -7.23 2.25
SE MSE B 163 -14.40 -5.97 2.30
CE MSE B 163 -12.95 -7.21 2.10
N PHE B 164 -19.56 -6.73 1.93
CA PHE B 164 -20.36 -6.66 0.71
C PHE B 164 -21.30 -5.46 0.73
N GLU B 165 -22.01 -5.27 1.83
CA GLU B 165 -22.95 -4.17 1.96
C GLU B 165 -22.30 -2.81 1.70
N LYS B 166 -21.03 -2.67 2.09
CA LYS B 166 -20.29 -1.44 1.87
C LYS B 166 -20.24 -1.18 0.37
N VAL B 167 -20.04 -2.25 -0.39
CA VAL B 167 -19.96 -2.15 -1.84
C VAL B 167 -21.32 -1.87 -2.46
N LEU B 168 -22.33 -2.59 -1.98
CA LEU B 168 -23.67 -2.41 -2.48
C LEU B 168 -24.10 -0.96 -2.24
N ASN B 169 -23.81 -0.45 -1.06
CA ASN B 169 -24.17 0.92 -0.72
C ASN B 169 -23.42 1.93 -1.59
N SER B 170 -22.17 1.64 -1.88
CA SER B 170 -21.35 2.53 -2.70
C SER B 170 -21.92 2.74 -4.10
N PHE B 171 -22.59 1.73 -4.63
CA PHE B 171 -23.18 1.81 -5.97
C PHE B 171 -24.68 2.06 -5.87
N GLU B 172 -25.18 2.16 -4.64
CA GLU B 172 -26.60 2.42 -4.42
C GLU B 172 -27.47 1.39 -5.14
N VAL B 173 -27.16 0.11 -4.96
CA VAL B 173 -27.95 -0.95 -5.56
C VAL B 173 -28.34 -1.95 -4.50
N LYS B 174 -29.37 -2.74 -4.78
CA LYS B 174 -29.84 -3.75 -3.84
C LYS B 174 -29.12 -5.07 -4.04
N PRO B 175 -29.13 -5.94 -3.03
CA PRO B 175 -28.47 -7.25 -3.14
C PRO B 175 -28.93 -8.05 -4.36
N GLU B 176 -30.22 -8.07 -4.61
CA GLU B 176 -30.75 -8.84 -5.73
C GLU B 176 -30.41 -8.24 -7.09
N GLU B 177 -29.89 -7.01 -7.07
CA GLU B 177 -29.49 -6.35 -8.31
C GLU B 177 -27.97 -6.50 -8.45
N SER B 178 -27.41 -7.47 -7.73
CA SER B 178 -25.97 -7.66 -7.74
C SER B 178 -25.54 -9.12 -7.84
N LEU B 179 -24.36 -9.33 -8.42
CA LEU B 179 -23.81 -10.66 -8.56
C LEU B 179 -22.33 -10.62 -8.21
N HIS B 180 -21.90 -11.55 -7.36
CA HIS B 180 -20.50 -11.62 -6.95
C HIS B 180 -19.87 -12.93 -7.40
N ILE B 181 -18.67 -12.85 -7.97
CA ILE B 181 -17.97 -14.03 -8.44
C ILE B 181 -16.61 -14.12 -7.74
N GLY B 182 -16.32 -15.30 -7.18
CA GLY B 182 -15.08 -15.55 -6.46
C GLY B 182 -14.79 -17.04 -6.41
N ASP B 183 -13.54 -17.41 -6.12
CA ASP B 183 -13.19 -18.82 -6.09
C ASP B 183 -13.14 -19.49 -4.73
N THR B 184 -13.29 -18.73 -3.66
CA THR B 184 -13.26 -19.34 -2.33
C THR B 184 -14.71 -19.50 -1.86
N TYR B 185 -15.16 -20.75 -1.79
CA TYR B 185 -16.53 -21.06 -1.38
C TYR B 185 -17.00 -20.34 -0.12
N ALA B 186 -16.31 -20.58 0.98
CA ALA B 186 -16.64 -19.98 2.27
C ALA B 186 -16.53 -18.45 2.33
N GLU B 187 -15.72 -17.86 1.46
CA GLU B 187 -15.55 -16.40 1.45
C GLU B 187 -16.43 -15.70 0.41
N ASP B 188 -16.18 -16.00 -0.86
CA ASP B 188 -16.93 -15.38 -1.96
C ASP B 188 -18.39 -15.85 -2.14
N TYR B 189 -18.58 -17.16 -2.26
CA TYR B 189 -19.91 -17.70 -2.45
C TYR B 189 -20.86 -17.51 -1.28
N GLN B 190 -20.54 -18.11 -0.14
CA GLN B 190 -21.42 -17.98 1.01
C GLN B 190 -21.53 -16.53 1.46
N GLY B 191 -20.43 -15.80 1.36
CA GLY B 191 -20.45 -14.39 1.73
C GLY B 191 -21.51 -13.65 0.94
N ALA B 192 -21.43 -13.68 -0.38
CA ALA B 192 -22.37 -12.95 -1.21
C ALA B 192 -23.78 -13.52 -1.15
N ARG B 193 -23.89 -14.84 -1.05
CA ARG B 193 -25.19 -15.46 -0.99
C ARG B 193 -26.00 -15.06 0.24
N LYS B 194 -25.42 -15.08 1.44
CA LYS B 194 -26.21 -14.71 2.60
C LYS B 194 -26.54 -13.23 2.75
N VAL B 195 -25.96 -12.38 1.91
CA VAL B 195 -26.27 -10.96 1.95
C VAL B 195 -27.43 -10.71 0.98
N GLY B 196 -27.75 -11.71 0.17
CA GLY B 196 -28.84 -11.60 -0.79
C GLY B 196 -28.43 -11.44 -2.26
N MSE B 197 -27.14 -11.23 -2.51
CA MSE B 197 -26.67 -11.07 -3.89
C MSE B 197 -26.64 -12.41 -4.61
O MSE B 197 -26.65 -13.48 -3.98
CB MSE B 197 -25.23 -10.56 -3.92
CG MSE B 197 -24.93 -9.31 -3.13
SE MSE B 197 -23.01 -9.19 -2.87
CE MSE B 197 -22.51 -8.56 -4.66
N TRP B 198 -26.62 -12.36 -5.94
CA TRP B 198 -26.49 -13.57 -6.74
C TRP B 198 -25.02 -13.98 -6.48
N ALA B 199 -24.76 -15.27 -6.31
CA ALA B 199 -23.40 -15.71 -6.06
C ALA B 199 -22.91 -16.75 -7.05
N VAL B 200 -21.70 -16.56 -7.56
CA VAL B 200 -21.10 -17.51 -8.50
C VAL B 200 -19.75 -17.97 -7.99
N TRP B 201 -19.63 -19.27 -7.75
CA TRP B 201 -18.40 -19.86 -7.26
C TRP B 201 -17.63 -20.50 -8.40
N ILE B 202 -16.36 -20.12 -8.53
CA ILE B 202 -15.52 -20.71 -9.57
C ILE B 202 -14.89 -21.99 -9.03
N ASN B 203 -15.27 -23.11 -9.61
CA ASN B 203 -14.72 -24.41 -9.22
C ASN B 203 -14.08 -24.92 -10.49
N GLN B 204 -12.75 -24.84 -10.54
CA GLN B 204 -11.99 -25.26 -11.70
C GLN B 204 -12.11 -26.77 -11.91
N GLU B 205 -12.46 -27.48 -10.84
CA GLU B 205 -12.62 -28.92 -10.90
C GLU B 205 -13.99 -29.28 -11.47
N GLY B 206 -14.72 -28.26 -11.93
CA GLY B 206 -16.04 -28.48 -12.49
C GLY B 206 -16.03 -28.53 -14.01
N ASP B 207 -17.07 -29.10 -14.60
CA ASP B 207 -17.13 -29.23 -16.05
C ASP B 207 -18.12 -28.29 -16.75
N LYS B 208 -19.22 -28.00 -16.09
CA LYS B 208 -20.24 -27.13 -16.68
C LYS B 208 -20.80 -26.10 -15.70
N VAL B 209 -21.58 -25.18 -16.22
CA VAL B 209 -22.23 -24.16 -15.40
C VAL B 209 -23.33 -24.92 -14.65
N ARG B 210 -23.37 -24.77 -13.33
CA ARG B 210 -24.40 -25.46 -12.56
C ARG B 210 -25.09 -24.53 -11.58
N LYS B 211 -26.40 -24.70 -11.48
CA LYS B 211 -27.17 -23.92 -10.54
C LYS B 211 -27.01 -24.72 -9.24
N LEU B 212 -26.45 -24.09 -8.22
CA LEU B 212 -26.20 -24.75 -6.94
C LEU B 212 -27.40 -24.64 -6.01
N GLU B 213 -28.10 -23.52 -6.10
CA GLU B 213 -29.26 -23.27 -5.27
C GLU B 213 -29.83 -21.94 -5.72
N GLU B 214 -30.86 -21.47 -5.03
CA GLU B 214 -31.46 -20.20 -5.39
C GLU B 214 -30.43 -19.09 -5.27
N ARG B 215 -30.17 -18.43 -6.40
CA ARG B 215 -29.20 -17.32 -6.45
C ARG B 215 -27.75 -17.78 -6.35
N GLY B 216 -27.51 -19.07 -6.56
CA GLY B 216 -26.15 -19.58 -6.46
C GLY B 216 -25.75 -20.51 -7.60
N PHE B 217 -24.61 -20.22 -8.20
CA PHE B 217 -24.10 -21.01 -9.30
C PHE B 217 -22.64 -21.38 -9.09
N GLU B 218 -22.21 -22.35 -9.89
CA GLU B 218 -20.85 -22.86 -9.89
C GLU B 218 -20.41 -22.88 -11.33
N ILE B 219 -19.25 -22.30 -11.65
CA ILE B 219 -18.77 -22.35 -13.02
C ILE B 219 -17.29 -22.75 -13.03
N PRO B 220 -16.86 -23.47 -14.08
CA PRO B 220 -15.46 -23.89 -14.17
C PRO B 220 -14.42 -22.78 -14.36
N SER B 221 -14.81 -21.68 -15.00
CA SER B 221 -13.88 -20.57 -15.27
C SER B 221 -14.60 -19.24 -15.43
N ILE B 222 -13.88 -18.14 -15.30
CA ILE B 222 -14.49 -16.82 -15.44
C ILE B 222 -15.06 -16.66 -16.86
N ALA B 223 -14.67 -17.55 -17.76
CA ALA B 223 -15.14 -17.53 -19.14
C ALA B 223 -16.63 -17.80 -19.21
N ASN B 224 -17.15 -18.56 -18.25
CA ASN B 224 -18.56 -18.90 -18.20
C ASN B 224 -19.40 -17.89 -17.43
N LEU B 225 -18.80 -16.79 -17.01
CA LEU B 225 -19.59 -15.81 -16.27
C LEU B 225 -20.69 -15.24 -17.17
N LYS B 226 -20.35 -14.99 -18.44
CA LYS B 226 -21.33 -14.43 -19.37
C LYS B 226 -22.56 -15.33 -19.54
N ASP B 227 -22.41 -16.63 -19.31
CA ASP B 227 -23.55 -17.52 -19.44
C ASP B 227 -24.52 -17.26 -18.27
N VAL B 228 -23.99 -17.19 -17.05
CA VAL B 228 -24.81 -16.93 -15.88
C VAL B 228 -25.49 -15.57 -16.00
N ILE B 229 -24.70 -14.56 -16.37
CA ILE B 229 -25.25 -13.22 -16.54
C ILE B 229 -26.43 -13.24 -17.52
N GLU B 230 -26.23 -13.86 -18.68
CA GLU B 230 -27.28 -13.91 -19.71
C GLU B 230 -28.50 -14.71 -19.29
N LEU B 231 -28.27 -15.76 -18.52
CA LEU B 231 -29.35 -16.59 -18.04
C LEU B 231 -30.31 -15.81 -17.16
N ILE B 232 -29.78 -14.94 -16.30
CA ILE B 232 -30.63 -14.19 -15.39
C ILE B 232 -31.03 -12.78 -15.84
N SER B 233 -30.80 -12.46 -17.11
CA SER B 233 -31.16 -11.15 -17.63
C SER B 233 -32.47 -11.17 -18.43
S SO4 C . 5.83 15.41 2.87
O1 SO4 C . 7.30 15.80 2.83
O2 SO4 C . 5.46 15.46 4.34
O3 SO4 C . 5.07 16.37 2.18
O4 SO4 C . 5.70 14.07 2.41
S SO4 D . -3.14 20.25 -19.95
O1 SO4 D . -1.90 20.28 -20.85
O2 SO4 D . -4.24 19.66 -20.83
O3 SO4 D . -2.91 19.37 -18.85
O4 SO4 D . -3.49 21.58 -19.59
S SO4 E . -7.20 -14.83 -1.04
O1 SO4 E . -7.91 -13.70 -1.80
O2 SO4 E . -7.75 -16.11 -1.67
O3 SO4 E . -5.81 -14.75 -1.28
O4 SO4 E . -7.58 -14.79 0.33
MG MG F . -8.66 -12.10 -3.23
CL CL G . -8.87 3.48 -18.66
CL CL H . 14.97 -9.84 -7.68
#